data_4TQM
#
_entry.id   4TQM
#
_cell.length_a   54.230
_cell.length_b   77.540
_cell.length_c   89.020
_cell.angle_alpha   90.000
_cell.angle_beta   90.000
_cell.angle_gamma   90.000
#
_symmetry.space_group_name_H-M   'P 2 21 21'
#
loop_
_entity.id
_entity.type
_entity.pdbx_description
1 polymer 'Lectin 2'
2 branched 2-acetamido-2-deoxy-beta-D-glucopyranose-(1-3)-beta-D-galactopyranose-(1-4)-2-acetamido-2-deoxy-beta-D-glucopyranose
3 branched 2-acetamido-2-deoxy-beta-D-glucopyranose-(1-3)-beta-D-galactopyranose
4 water water
#
_entity_poly.entity_id   1
_entity_poly.type   'polypeptide(L)'
_entity_poly.pdbx_seq_one_letter_code
;TSNVITQDLPIPVASRGFADIVGFGLDGVVIGRNAVNLQPFLAVKNFAQNAGGWLTTKHVRLIADTTGTGKGDIVGFGNA
GVYVSVNNGKNTFADPPKMVIANFGYDAGGWRVEKHLRYLADIRKTGRADIIGFGEKGVLVSRNNGGLNFGPATLVLKDF
GYDAGGWRLDRHLRFLADVTGNGHLDIVGFGDKHVFISRNNGDGTFAPAKSVIDNFCIDAGGWKIGDHPRFVADLTGDGT
ADIIGCGKAGCWVALNNGGGVFGQVKLVINDFGTDKGWQAAKHPRFIADLTGNGRGDVVGFGNAGVYVALNNGDGTFQSA
KLVLKDFGVQQGWTVSKHRRFVVDLTGDGCADIIGFGEKETLVSYNDGKGNFGPVKALTNDFSFSGGKWAPETTVCWMAN
LDSSRH
;
_entity_poly.pdbx_strand_id   A
#
# COMPACT_ATOMS: atom_id res chain seq x y z
N SER A 2 -5.76 5.43 -10.96
CA SER A 2 -6.59 5.09 -9.80
C SER A 2 -5.72 4.92 -8.56
N ASN A 3 -5.81 5.90 -7.65
CA ASN A 3 -5.12 5.79 -6.37
C ASN A 3 -5.82 4.78 -5.46
N VAL A 4 -5.06 3.77 -5.03
CA VAL A 4 -5.63 2.67 -4.25
C VAL A 4 -4.92 2.50 -2.92
N ILE A 5 -5.59 1.82 -2.00
CA ILE A 5 -5.04 1.53 -0.69
C ILE A 5 -5.23 0.05 -0.39
N THR A 6 -4.12 -0.66 -0.19
CA THR A 6 -4.17 -2.09 0.11
C THR A 6 -3.55 -2.36 1.46
N GLN A 7 -3.55 -3.62 1.87
CA GLN A 7 -2.97 -4.01 3.15
C GLN A 7 -1.45 -3.97 3.09
N ASP A 8 -0.89 -4.39 1.96
CA ASP A 8 0.57 -4.37 1.79
C ASP A 8 1.10 -2.96 1.51
N LEU A 9 0.29 -2.15 0.82
CA LEU A 9 0.66 -0.78 0.50
C LEU A 9 -0.46 0.20 0.89
N PRO A 10 -0.58 0.50 2.19
CA PRO A 10 -1.65 1.38 2.69
C PRO A 10 -1.44 2.83 2.30
N ILE A 11 -0.23 3.16 1.86
CA ILE A 11 0.08 4.52 1.44
C ILE A 11 0.13 4.63 -0.08
N PRO A 12 -0.84 5.34 -0.67
CA PRO A 12 -0.82 5.52 -2.13
C PRO A 12 0.36 6.38 -2.55
N VAL A 13 1.06 5.96 -3.58
CA VAL A 13 2.17 6.72 -4.13
C VAL A 13 1.78 7.21 -5.53
N ALA A 14 2.08 8.47 -5.82
CA ALA A 14 1.74 9.04 -7.12
C ALA A 14 2.41 8.28 -8.25
N SER A 15 1.65 7.99 -9.31
CA SER A 15 2.20 7.31 -10.49
C SER A 15 3.25 8.18 -11.18
N ARG A 16 3.07 9.50 -11.06
CA ARG A 16 4.03 10.46 -11.59
C ARG A 16 4.49 11.40 -10.48
N GLY A 17 5.75 11.24 -10.07
CA GLY A 17 6.29 12.06 -9.00
C GLY A 17 7.67 11.60 -8.56
N PHE A 18 8.07 12.06 -7.38
CA PHE A 18 9.40 11.80 -6.86
C PHE A 18 9.30 11.22 -5.46
N ALA A 19 9.02 9.92 -5.38
CA ALA A 19 8.76 9.27 -4.10
C ALA A 19 9.90 9.40 -3.10
N ASP A 20 9.56 9.76 -1.87
CA ASP A 20 10.55 9.92 -0.81
C ASP A 20 10.63 8.66 0.04
N ILE A 21 11.75 8.50 0.74
CA ILE A 21 11.89 7.39 1.67
C ILE A 21 11.49 7.84 3.07
N VAL A 22 10.63 7.07 3.71
CA VAL A 22 10.27 7.33 5.10
C VAL A 22 10.59 6.10 5.93
N GLY A 23 11.50 6.24 6.88
CA GLY A 23 11.93 5.10 7.66
C GLY A 23 11.70 5.25 9.16
N PHE A 24 10.68 4.55 9.66
CA PHE A 24 10.48 4.44 11.09
C PHE A 24 11.53 3.50 11.63
N GLY A 25 12.65 4.09 12.06
CA GLY A 25 13.80 3.35 12.53
C GLY A 25 13.80 3.17 14.04
N LEU A 26 14.90 2.66 14.58
CA LEU A 26 14.99 2.34 15.99
C LEU A 26 14.99 3.58 16.90
N ASP A 27 15.59 4.67 16.43
CA ASP A 27 15.72 5.87 17.24
C ASP A 27 14.71 6.96 16.88
N GLY A 28 13.93 6.72 15.85
CA GLY A 28 12.95 7.69 15.41
C GLY A 28 12.75 7.66 13.90
N VAL A 29 12.03 8.64 13.39
CA VAL A 29 11.73 8.70 11.97
C VAL A 29 12.86 9.36 11.18
N VAL A 30 13.43 8.60 10.24
CA VAL A 30 14.48 9.07 9.36
C VAL A 30 13.88 9.36 7.99
N ILE A 31 14.12 10.57 7.49
CA ILE A 31 13.58 10.99 6.21
C ILE A 31 14.68 10.97 5.14
N GLY A 32 14.42 10.21 4.07
CA GLY A 32 15.29 10.20 2.91
C GLY A 32 14.61 10.89 1.75
N ARG A 33 14.65 12.23 1.78
CA ARG A 33 13.97 13.04 0.78
C ARG A 33 14.61 12.85 -0.59
N ASN A 34 13.80 12.45 -1.57
CA ASN A 34 14.23 12.31 -2.95
C ASN A 34 14.90 13.60 -3.45
N ALA A 35 16.23 13.59 -3.54
CA ALA A 35 16.98 14.78 -3.90
C ALA A 35 18.32 14.45 -4.57
N VAL A 36 18.96 15.48 -5.15
CA VAL A 36 20.20 15.29 -5.91
C VAL A 36 21.33 14.67 -5.09
N ASN A 37 21.40 15.03 -3.83
CA ASN A 37 22.32 14.40 -2.89
C ASN A 37 21.53 13.87 -1.70
N LEU A 38 21.20 12.58 -1.73
CA LEU A 38 20.39 11.99 -0.67
C LEU A 38 21.10 12.10 0.68
N GLN A 39 20.45 12.77 1.62
CA GLN A 39 21.01 12.96 2.95
C GLN A 39 19.95 12.67 3.99
N PRO A 40 19.81 11.39 4.37
CA PRO A 40 18.82 10.97 5.36
C PRO A 40 19.09 11.60 6.72
N PHE A 41 18.04 12.06 7.39
CA PHE A 41 18.20 12.71 8.69
C PHE A 41 17.10 12.27 9.64
N LEU A 42 17.40 12.32 10.94
CA LEU A 42 16.45 11.96 11.98
C LEU A 42 15.52 13.14 12.26
N ALA A 43 14.28 13.03 11.81
CA ALA A 43 13.34 14.15 11.86
C ALA A 43 12.54 14.21 13.16
N VAL A 44 12.08 13.06 13.62
CA VAL A 44 11.28 12.99 14.85
C VAL A 44 11.82 11.90 15.76
N LYS A 45 12.14 12.25 17.00
CA LYS A 45 12.61 11.26 17.96
C LYS A 45 11.41 10.61 18.65
N ASN A 46 10.66 9.84 17.87
CA ASN A 46 9.44 9.20 18.34
C ASN A 46 8.99 8.20 17.27
N PHE A 47 7.82 7.59 17.47
CA PHE A 47 7.29 6.58 16.55
C PHE A 47 8.28 5.44 16.32
N ALA A 48 9.06 5.11 17.36
CA ALA A 48 10.18 4.19 17.19
C ALA A 48 10.27 3.13 18.29
N GLN A 49 10.92 2.01 17.94
CA GLN A 49 11.17 0.91 18.87
C GLN A 49 11.81 1.41 20.16
N ASN A 50 12.78 2.30 20.03
CA ASN A 50 13.51 2.81 21.18
C ASN A 50 13.28 4.30 21.42
N ALA A 51 12.14 4.79 20.96
CA ALA A 51 11.73 6.16 21.21
C ALA A 51 10.21 6.25 21.20
N GLY A 52 9.59 6.04 22.35
CA GLY A 52 8.14 6.06 22.45
C GLY A 52 7.57 4.67 22.66
N GLY A 53 8.43 3.66 22.54
CA GLY A 53 8.02 2.28 22.77
C GLY A 53 7.11 1.73 21.70
N TRP A 54 7.39 2.05 20.44
CA TRP A 54 6.54 1.59 19.34
C TRP A 54 6.91 0.19 18.87
N LEU A 55 5.89 -0.60 18.51
CA LEU A 55 6.08 -1.99 18.12
C LEU A 55 5.25 -2.33 16.89
N THR A 56 5.85 -3.04 15.94
CA THR A 56 5.16 -3.44 14.71
C THR A 56 4.00 -4.38 15.03
N THR A 57 4.08 -5.05 16.18
CA THR A 57 3.07 -6.03 16.57
C THR A 57 1.85 -5.38 17.24
N LYS A 58 2.00 -4.12 17.64
CA LYS A 58 0.95 -3.43 18.39
C LYS A 58 0.48 -2.15 17.72
N HIS A 59 1.30 -1.61 16.83
CA HIS A 59 1.06 -0.26 16.34
C HIS A 59 1.15 -0.13 14.84
N VAL A 60 0.53 0.92 14.30
CA VAL A 60 0.56 1.13 12.86
C VAL A 60 1.21 2.48 12.55
N ARG A 61 2.12 2.51 11.58
CA ARG A 61 2.81 3.76 11.27
C ARG A 61 2.76 4.07 9.78
N LEU A 62 2.17 5.22 9.46
CA LEU A 62 1.89 5.59 8.08
C LEU A 62 2.24 7.05 7.80
N ILE A 63 2.03 7.46 6.55
CA ILE A 63 2.19 8.85 6.12
C ILE A 63 0.93 9.28 5.39
N ALA A 64 0.39 10.44 5.76
CA ALA A 64 -0.78 10.99 5.08
C ALA A 64 -0.87 12.51 5.31
N ASP A 65 -1.55 13.21 4.41
CA ASP A 65 -1.81 14.62 4.61
C ASP A 65 -3.02 14.80 5.52
N THR A 66 -2.76 15.21 6.76
CA THR A 66 -3.81 15.34 7.75
C THR A 66 -4.32 16.78 7.87
N THR A 67 -3.59 17.72 7.29
CA THR A 67 -3.93 19.13 7.43
C THR A 67 -4.55 19.73 6.17
N GLY A 68 -4.18 19.19 5.02
CA GLY A 68 -4.69 19.69 3.75
C GLY A 68 -3.80 20.74 3.12
N THR A 69 -2.52 20.73 3.51
CA THR A 69 -1.56 21.68 2.95
C THR A 69 -0.85 21.10 1.73
N GLY A 70 -1.09 19.82 1.47
CA GLY A 70 -0.42 19.14 0.38
C GLY A 70 0.92 18.57 0.82
N LYS A 71 1.09 18.45 2.12
CA LYS A 71 2.31 17.91 2.71
C LYS A 71 2.00 16.60 3.42
N GLY A 72 2.90 15.63 3.33
CA GLY A 72 2.73 14.36 4.01
C GLY A 72 3.15 14.43 5.47
N ASP A 73 2.24 14.09 6.37
CA ASP A 73 2.53 14.12 7.80
C ASP A 73 2.81 12.72 8.33
N ILE A 74 3.51 12.65 9.46
CA ILE A 74 3.80 11.36 10.09
C ILE A 74 2.67 10.95 11.02
N VAL A 75 2.05 9.81 10.73
CA VAL A 75 0.90 9.37 11.53
C VAL A 75 1.18 8.03 12.21
N GLY A 76 0.83 7.94 13.48
CA GLY A 76 1.05 6.72 14.25
C GLY A 76 -0.12 6.31 15.13
N PHE A 77 -0.70 5.15 14.81
CA PHE A 77 -1.70 4.51 15.64
C PHE A 77 -0.98 3.77 16.77
N GLY A 78 -0.91 4.43 17.92
CA GLY A 78 -0.19 3.92 19.08
C GLY A 78 -1.12 3.39 20.16
N ASN A 79 -0.73 3.56 21.43
CA ASN A 79 -1.50 2.98 22.52
C ASN A 79 -2.71 3.80 22.95
N ALA A 80 -2.50 5.04 23.35
CA ALA A 80 -3.58 5.86 23.88
C ALA A 80 -4.38 6.57 22.80
N GLY A 81 -3.94 6.43 21.54
CA GLY A 81 -4.64 7.06 20.43
C GLY A 81 -3.76 7.26 19.21
N VAL A 82 -4.16 8.20 18.36
CA VAL A 82 -3.40 8.49 17.15
C VAL A 82 -2.54 9.74 17.32
N TYR A 83 -1.26 9.63 16.96
CA TYR A 83 -0.31 10.73 17.05
C TYR A 83 0.05 11.23 15.66
N VAL A 84 0.20 12.55 15.54
CA VAL A 84 0.54 13.15 14.25
C VAL A 84 1.67 14.17 14.40
N SER A 85 2.76 13.94 13.67
CA SER A 85 3.83 14.91 13.52
C SER A 85 3.68 15.58 12.16
N VAL A 86 3.15 16.79 12.17
CA VAL A 86 2.87 17.54 10.95
C VAL A 86 4.15 17.91 10.21
N ASN A 87 4.10 17.81 8.88
CA ASN A 87 5.17 18.30 8.03
C ASN A 87 5.12 19.82 8.05
N ASN A 88 6.08 20.44 8.74
CA ASN A 88 6.10 21.89 8.89
C ASN A 88 6.71 22.60 7.68
N GLY A 89 6.99 21.82 6.63
CA GLY A 89 7.72 22.34 5.50
C GLY A 89 9.14 22.67 5.93
N LYS A 90 9.93 23.25 5.02
CA LYS A 90 11.32 23.58 5.28
C LYS A 90 12.09 22.35 5.75
N ASN A 91 11.70 21.18 5.23
CA ASN A 91 12.34 19.91 5.58
C ASN A 91 12.40 19.65 7.09
N THR A 92 11.32 19.99 7.80
CA THR A 92 11.22 19.69 9.23
C THR A 92 9.87 19.08 9.59
N PHE A 93 9.86 18.21 10.60
CA PHE A 93 8.62 17.65 11.13
C PHE A 93 8.46 17.97 12.60
N ALA A 94 7.22 18.15 13.04
CA ALA A 94 6.93 18.50 14.43
C ALA A 94 7.37 17.42 15.40
N ASP A 95 8.02 17.84 16.48
CA ASP A 95 8.50 16.95 17.52
C ASP A 95 8.42 17.72 18.83
N PRO A 96 7.60 17.24 19.78
CA PRO A 96 6.82 16.00 19.79
C PRO A 96 5.56 16.07 18.91
N PRO A 97 4.97 14.90 18.59
CA PRO A 97 3.70 14.88 17.86
C PRO A 97 2.54 15.27 18.76
N LYS A 98 1.36 15.44 18.17
CA LYS A 98 0.14 15.70 18.93
C LYS A 98 -0.78 14.49 18.83
N MET A 99 -1.43 14.13 19.92
CA MET A 99 -2.47 13.10 19.86
C MET A 99 -3.78 13.73 19.40
N VAL A 100 -4.22 13.33 18.21
CA VAL A 100 -5.36 13.99 17.59
C VAL A 100 -6.70 13.32 17.93
N ILE A 101 -6.63 12.07 18.38
CA ILE A 101 -7.84 11.35 18.78
C ILE A 101 -7.51 10.18 19.71
N ALA A 102 -8.30 10.03 20.77
CA ALA A 102 -8.14 8.93 21.70
C ALA A 102 -8.93 7.70 21.26
N ASN A 103 -8.62 7.20 20.07
CA ASN A 103 -9.24 5.96 19.57
C ASN A 103 -8.33 5.33 18.52
N PHE A 104 -8.76 4.21 17.94
CA PHE A 104 -7.96 3.46 16.96
C PHE A 104 -6.60 3.03 17.51
N GLY A 105 -6.53 2.84 18.83
CA GLY A 105 -5.28 2.49 19.48
C GLY A 105 -5.30 1.12 20.13
N TYR A 106 -4.12 0.59 20.45
CA TYR A 106 -4.02 -0.71 21.11
C TYR A 106 -4.72 -0.66 22.47
N ASP A 107 -4.51 0.42 23.21
CA ASP A 107 -5.23 0.60 24.47
C ASP A 107 -6.56 1.29 24.24
N ALA A 108 -6.52 2.50 23.67
CA ALA A 108 -7.74 3.25 23.40
C ALA A 108 -8.48 2.68 22.20
N GLY A 109 -9.36 1.72 22.46
CA GLY A 109 -10.18 1.13 21.41
C GLY A 109 -9.99 -0.36 21.26
N GLY A 110 -8.96 -0.90 21.90
CA GLY A 110 -8.67 -2.32 21.84
C GLY A 110 -8.36 -2.81 20.44
N TRP A 111 -7.68 -1.97 19.66
CA TRP A 111 -7.36 -2.31 18.28
C TRP A 111 -6.16 -3.24 18.20
N ARG A 112 -6.28 -4.28 17.36
CA ARG A 112 -5.28 -5.32 17.27
C ARG A 112 -4.78 -5.51 15.84
N VAL A 113 -3.46 -5.47 15.66
CA VAL A 113 -2.84 -5.72 14.36
C VAL A 113 -3.25 -7.09 13.82
N GLU A 114 -3.52 -8.03 14.72
CA GLU A 114 -3.88 -9.40 14.35
C GLU A 114 -5.32 -9.52 13.86
N LYS A 115 -6.15 -8.53 14.16
CA LYS A 115 -7.59 -8.64 13.93
C LYS A 115 -8.17 -7.52 13.06
N HIS A 116 -7.53 -6.37 13.09
CA HIS A 116 -8.13 -5.16 12.54
C HIS A 116 -7.23 -4.46 11.52
N LEU A 117 -7.83 -3.61 10.70
CA LEU A 117 -7.06 -2.82 9.74
C LEU A 117 -7.26 -1.33 10.03
N ARG A 118 -6.25 -0.52 9.74
CA ARG A 118 -6.36 0.92 9.94
C ARG A 118 -5.70 1.70 8.80
N TYR A 119 -6.50 2.53 8.13
CA TYR A 119 -6.07 3.28 6.97
C TYR A 119 -6.30 4.78 7.14
N LEU A 120 -5.61 5.56 6.32
CA LEU A 120 -5.82 6.99 6.22
C LEU A 120 -6.17 7.34 4.77
N ALA A 121 -7.33 7.92 4.55
CA ALA A 121 -7.81 8.19 3.20
C ALA A 121 -8.74 9.39 3.13
N ASP A 122 -8.64 10.12 2.03
CA ASP A 122 -9.52 11.26 1.79
C ASP A 122 -10.78 10.77 1.07
N ILE A 123 -11.65 10.07 1.81
CA ILE A 123 -12.82 9.45 1.21
C ILE A 123 -13.90 10.47 0.85
N ARG A 124 -13.81 11.67 1.41
CA ARG A 124 -14.76 12.73 1.12
C ARG A 124 -14.24 13.65 0.01
N LYS A 125 -13.00 13.42 -0.40
CA LYS A 125 -12.32 14.25 -1.39
C LYS A 125 -12.29 15.73 -0.98
N THR A 126 -11.89 16.00 0.26
CA THR A 126 -11.81 17.37 0.76
C THR A 126 -10.37 17.87 0.85
N GLY A 127 -9.42 17.03 0.48
CA GLY A 127 -8.03 17.43 0.44
C GLY A 127 -7.20 16.96 1.63
N ARG A 128 -7.85 16.31 2.59
CA ARG A 128 -7.16 15.79 3.76
C ARG A 128 -7.69 14.42 4.17
N ALA A 129 -6.89 13.67 4.92
CA ALA A 129 -7.19 12.27 5.19
C ALA A 129 -8.10 12.03 6.40
N ASP A 130 -9.19 11.30 6.16
CA ASP A 130 -10.01 10.78 7.24
C ASP A 130 -9.37 9.51 7.78
N ILE A 131 -9.79 9.08 8.96
CA ILE A 131 -9.29 7.83 9.52
C ILE A 131 -10.33 6.73 9.28
N ILE A 132 -9.92 5.65 8.63
CA ILE A 132 -10.88 4.57 8.36
C ILE A 132 -10.34 3.25 8.87
N GLY A 133 -11.03 2.66 9.84
CA GLY A 133 -10.57 1.42 10.42
C GLY A 133 -11.57 0.28 10.29
N PHE A 134 -11.09 -0.88 9.84
CA PHE A 134 -11.90 -2.09 9.89
C PHE A 134 -11.68 -2.73 11.25
N GLY A 135 -12.63 -2.49 12.15
CA GLY A 135 -12.54 -2.94 13.53
C GLY A 135 -13.39 -4.17 13.80
N GLU A 136 -13.86 -4.27 15.03
CA GLU A 136 -14.57 -5.45 15.50
C GLU A 136 -15.98 -5.57 14.94
N LYS A 137 -16.73 -4.47 15.01
CA LYS A 137 -18.15 -4.49 14.66
C LYS A 137 -18.43 -3.95 13.27
N GLY A 138 -17.36 -3.63 12.53
CA GLY A 138 -17.52 -3.11 11.19
C GLY A 138 -16.55 -1.98 10.88
N VAL A 139 -16.96 -1.07 10.01
CA VAL A 139 -16.11 0.03 9.57
C VAL A 139 -16.34 1.28 10.41
N LEU A 140 -15.27 1.77 11.02
CA LEU A 140 -15.31 2.95 11.88
C LEU A 140 -14.60 4.08 11.16
N VAL A 141 -15.22 5.26 11.13
CA VAL A 141 -14.61 6.41 10.47
C VAL A 141 -14.49 7.60 11.42
N SER A 142 -13.31 8.21 11.43
CA SER A 142 -13.12 9.51 12.09
C SER A 142 -12.91 10.58 11.03
N ARG A 143 -13.86 11.50 10.94
CA ARG A 143 -13.82 12.57 9.96
C ARG A 143 -12.80 13.66 10.32
N ASN A 144 -11.98 14.04 9.34
CA ASN A 144 -10.99 15.08 9.51
C ASN A 144 -11.63 16.45 9.32
N ASN A 145 -11.82 17.18 10.42
CA ASN A 145 -12.46 18.48 10.37
C ASN A 145 -11.46 19.63 10.28
N GLY A 146 -10.22 19.31 9.93
CA GLY A 146 -9.19 20.33 9.77
C GLY A 146 -8.57 20.75 11.10
N GLY A 147 -7.38 21.32 11.04
CA GLY A 147 -6.68 21.80 12.22
C GLY A 147 -6.39 20.67 13.20
N LEU A 148 -6.23 19.46 12.66
CA LEU A 148 -6.01 18.25 13.45
C LEU A 148 -7.14 17.95 14.43
N ASN A 149 -8.32 18.48 14.15
CA ASN A 149 -9.50 18.15 14.93
C ASN A 149 -10.27 17.02 14.28
N PHE A 150 -10.21 15.84 14.89
CA PHE A 150 -10.89 14.67 14.34
C PHE A 150 -12.17 14.37 15.11
N GLY A 151 -13.25 14.14 14.37
CA GLY A 151 -14.51 13.74 14.98
C GLY A 151 -14.38 12.37 15.63
N PRO A 152 -15.35 12.01 16.48
CA PRO A 152 -15.33 10.72 17.16
C PRO A 152 -15.41 9.55 16.19
N ALA A 153 -14.81 8.42 16.55
CA ALA A 153 -14.90 7.22 15.73
C ALA A 153 -16.34 6.75 15.67
N THR A 154 -16.89 6.71 14.45
CA THR A 154 -18.29 6.34 14.27
C THR A 154 -18.43 5.09 13.39
N LEU A 155 -19.21 4.12 13.87
CA LEU A 155 -19.49 2.92 13.08
C LEU A 155 -20.45 3.29 11.96
N VAL A 156 -19.95 3.25 10.72
CA VAL A 156 -20.73 3.69 9.56
C VAL A 156 -21.22 2.53 8.70
N LEU A 157 -20.76 1.32 9.00
CA LEU A 157 -21.18 0.13 8.25
C LEU A 157 -20.91 -1.13 9.06
N LYS A 158 -21.95 -1.89 9.35
CA LYS A 158 -21.83 -3.12 10.11
C LYS A 158 -21.42 -4.30 9.23
N ASP A 159 -20.26 -4.19 8.60
CA ASP A 159 -19.72 -5.28 7.79
C ASP A 159 -18.21 -5.11 7.64
N PHE A 160 -17.55 -6.10 7.04
CA PHE A 160 -16.10 -6.11 6.86
C PHE A 160 -15.37 -6.02 8.21
N GLY A 161 -16.03 -6.50 9.26
CA GLY A 161 -15.46 -6.47 10.59
C GLY A 161 -15.09 -7.87 11.08
N TYR A 162 -14.26 -7.93 12.11
CA TYR A 162 -13.87 -9.20 12.69
C TYR A 162 -15.11 -9.93 13.21
N ASP A 163 -15.97 -9.19 13.91
CA ASP A 163 -17.18 -9.78 14.47
C ASP A 163 -18.41 -9.26 13.72
N ALA A 164 -18.19 -8.75 12.51
CA ALA A 164 -19.26 -8.28 11.66
C ALA A 164 -19.06 -8.84 10.25
N GLY A 165 -19.46 -10.09 10.04
CA GLY A 165 -19.26 -10.74 8.76
C GLY A 165 -18.13 -11.75 8.82
N GLY A 166 -17.48 -11.83 9.99
CA GLY A 166 -16.46 -12.83 10.24
C GLY A 166 -15.20 -12.69 9.41
N TRP A 167 -14.74 -11.45 9.22
CA TRP A 167 -13.56 -11.19 8.40
C TRP A 167 -12.26 -11.51 9.14
N ARG A 168 -11.34 -12.14 8.42
CA ARG A 168 -10.10 -12.63 9.01
C ARG A 168 -8.90 -12.25 8.14
N LEU A 169 -7.81 -11.84 8.78
CA LEU A 169 -6.61 -11.45 8.05
C LEU A 169 -5.96 -12.63 7.33
N ASP A 170 -6.21 -13.83 7.81
CA ASP A 170 -5.60 -15.02 7.22
C ASP A 170 -6.46 -15.66 6.13
N ARG A 171 -7.60 -15.05 5.82
CA ARG A 171 -8.52 -15.59 4.82
C ARG A 171 -8.96 -14.56 3.79
N HIS A 172 -9.01 -13.30 4.21
CA HIS A 172 -9.71 -12.27 3.46
C HIS A 172 -8.88 -11.01 3.24
N LEU A 173 -9.28 -10.21 2.25
CA LEU A 173 -8.57 -8.97 1.95
C LEU A 173 -9.53 -7.77 1.96
N ARG A 174 -9.06 -6.61 2.39
CA ARG A 174 -9.91 -5.42 2.43
C ARG A 174 -9.15 -4.18 1.99
N PHE A 175 -9.52 -3.67 0.82
CA PHE A 175 -8.84 -2.53 0.20
C PHE A 175 -9.81 -1.34 0.05
N LEU A 176 -9.24 -0.16 -0.18
CA LEU A 176 -10.03 1.00 -0.56
C LEU A 176 -9.67 1.39 -1.99
N ALA A 177 -10.68 1.62 -2.82
CA ALA A 177 -10.47 1.95 -4.23
C ALA A 177 -11.75 2.47 -4.87
N ASP A 178 -11.62 3.38 -5.83
CA ASP A 178 -12.77 3.85 -6.60
C ASP A 178 -13.16 2.80 -7.62
N VAL A 179 -14.27 2.11 -7.37
CA VAL A 179 -14.76 1.08 -8.29
C VAL A 179 -16.03 1.50 -9.02
N THR A 180 -16.54 2.69 -8.70
CA THR A 180 -17.77 3.18 -9.29
C THR A 180 -17.49 4.15 -10.43
N GLY A 181 -16.43 4.95 -10.27
CA GLY A 181 -16.06 5.92 -11.29
C GLY A 181 -16.48 7.34 -10.95
N ASN A 182 -16.67 7.60 -9.66
CA ASN A 182 -17.05 8.93 -9.20
C ASN A 182 -15.90 9.69 -8.56
N GLY A 183 -14.72 9.10 -8.55
CA GLY A 183 -13.55 9.72 -7.96
C GLY A 183 -13.44 9.53 -6.45
N HIS A 184 -14.38 8.79 -5.88
CA HIS A 184 -14.39 8.54 -4.43
C HIS A 184 -14.06 7.10 -4.09
N LEU A 185 -13.15 6.92 -3.13
CA LEU A 185 -12.73 5.60 -2.69
C LEU A 185 -13.88 4.78 -2.09
N ASP A 186 -14.07 3.59 -2.62
CA ASP A 186 -15.08 2.67 -2.09
C ASP A 186 -14.37 1.52 -1.38
N ILE A 187 -15.14 0.69 -0.67
CA ILE A 187 -14.58 -0.48 -0.01
C ILE A 187 -14.63 -1.69 -0.93
N VAL A 188 -13.53 -2.43 -1.01
CA VAL A 188 -13.49 -3.68 -1.77
C VAL A 188 -13.02 -4.81 -0.85
N GLY A 189 -13.82 -5.87 -0.76
CA GLY A 189 -13.51 -6.96 0.16
C GLY A 189 -13.51 -8.33 -0.47
N PHE A 190 -12.36 -8.98 -0.43
CA PHE A 190 -12.23 -10.36 -0.87
C PHE A 190 -12.57 -11.26 0.31
N GLY A 191 -13.81 -11.72 0.36
CA GLY A 191 -14.30 -12.54 1.46
C GLY A 191 -14.13 -14.02 1.21
N ASP A 192 -15.09 -14.82 1.69
CA ASP A 192 -15.04 -16.27 1.52
C ASP A 192 -15.47 -16.71 0.13
N LYS A 193 -16.67 -16.29 -0.27
CA LYS A 193 -17.26 -16.80 -1.51
C LYS A 193 -17.49 -15.72 -2.56
N HIS A 194 -17.28 -14.46 -2.17
CA HIS A 194 -17.56 -13.34 -3.07
C HIS A 194 -16.59 -12.18 -2.84
N VAL A 195 -16.22 -11.52 -3.93
CA VAL A 195 -15.65 -10.18 -3.84
C VAL A 195 -16.84 -9.24 -3.74
N PHE A 196 -16.87 -8.50 -2.63
CA PHE A 196 -17.92 -7.55 -2.29
C PHE A 196 -17.41 -6.13 -2.49
N ILE A 197 -18.32 -5.22 -2.77
CA ILE A 197 -17.98 -3.80 -2.74
C ILE A 197 -18.99 -3.05 -1.88
N SER A 198 -18.53 -1.98 -1.26
CA SER A 198 -19.40 -1.08 -0.51
C SER A 198 -19.16 0.33 -1.01
N ARG A 199 -20.22 0.94 -1.54
CA ARG A 199 -20.12 2.26 -2.17
C ARG A 199 -19.91 3.37 -1.15
N ASN A 200 -19.00 4.27 -1.46
CA ASN A 200 -18.81 5.52 -0.72
C ASN A 200 -20.05 6.38 -0.94
N ASN A 201 -20.83 6.60 0.12
CA ASN A 201 -22.07 7.38 0.01
C ASN A 201 -21.82 8.87 -0.15
N GLY A 202 -20.58 9.30 0.07
CA GLY A 202 -20.22 10.69 -0.07
C GLY A 202 -20.24 11.45 1.24
N ASP A 203 -21.06 10.98 2.18
CA ASP A 203 -21.21 11.66 3.47
C ASP A 203 -20.33 11.07 4.56
N GLY A 204 -19.28 10.35 4.16
CA GLY A 204 -18.41 9.70 5.11
C GLY A 204 -18.91 8.35 5.57
N THR A 205 -19.94 7.84 4.90
CA THR A 205 -20.49 6.52 5.21
C THR A 205 -20.39 5.59 4.01
N PHE A 206 -20.69 4.31 4.22
CA PHE A 206 -20.60 3.33 3.14
C PHE A 206 -21.86 2.46 3.04
N ALA A 207 -22.31 2.24 1.81
CA ALA A 207 -23.51 1.43 1.55
C ALA A 207 -23.32 -0.03 1.95
N PRO A 208 -24.44 -0.75 2.19
CA PRO A 208 -24.36 -2.19 2.49
C PRO A 208 -23.57 -2.94 1.41
N ALA A 209 -22.84 -3.97 1.82
CA ALA A 209 -21.97 -4.70 0.89
C ALA A 209 -22.76 -5.36 -0.25
N LYS A 210 -22.16 -5.35 -1.44
CA LYS A 210 -22.75 -5.97 -2.61
C LYS A 210 -21.79 -7.00 -3.22
N SER A 211 -22.27 -8.23 -3.38
CA SER A 211 -21.49 -9.27 -4.04
C SER A 211 -21.35 -8.95 -5.52
N VAL A 212 -20.11 -8.79 -5.98
CA VAL A 212 -19.90 -8.43 -7.38
C VAL A 212 -19.05 -9.43 -8.16
N ILE A 213 -18.22 -10.21 -7.46
CA ILE A 213 -17.50 -11.28 -8.18
C ILE A 213 -17.57 -12.61 -7.44
N ASP A 214 -17.78 -13.70 -8.16
CA ASP A 214 -17.73 -15.03 -7.55
C ASP A 214 -16.40 -15.72 -7.86
N ASN A 215 -15.31 -15.09 -7.40
CA ASN A 215 -13.96 -15.52 -7.70
C ASN A 215 -12.99 -14.73 -6.83
N PHE A 216 -11.70 -14.99 -6.98
CA PHE A 216 -10.65 -14.30 -6.23
C PHE A 216 -10.70 -14.50 -4.72
N CYS A 217 -11.38 -15.55 -4.27
CA CYS A 217 -11.58 -15.75 -2.84
C CYS A 217 -11.18 -17.14 -2.37
N ILE A 218 -11.02 -17.30 -1.06
CA ILE A 218 -10.57 -18.55 -0.49
C ILE A 218 -11.50 -19.73 -0.82
N ASP A 219 -12.81 -19.46 -0.89
CA ASP A 219 -13.79 -20.50 -1.19
C ASP A 219 -14.46 -20.28 -2.54
N ALA A 220 -13.85 -19.44 -3.37
CA ALA A 220 -14.29 -19.22 -4.74
C ALA A 220 -13.08 -19.07 -5.63
N GLY A 221 -12.54 -20.20 -6.08
CA GLY A 221 -11.34 -20.20 -6.91
C GLY A 221 -10.12 -20.71 -6.17
N GLY A 222 -10.26 -20.91 -4.85
CA GLY A 222 -9.18 -21.41 -4.03
C GLY A 222 -8.02 -20.43 -3.85
N TRP A 223 -8.36 -19.14 -3.72
CA TRP A 223 -7.34 -18.11 -3.54
C TRP A 223 -6.93 -17.97 -2.07
N LYS A 224 -5.65 -18.19 -1.78
CA LYS A 224 -5.19 -18.17 -0.40
C LYS A 224 -4.31 -16.96 -0.11
N ILE A 225 -4.40 -16.46 1.11
CA ILE A 225 -3.61 -15.31 1.54
C ILE A 225 -2.12 -15.62 1.41
N GLY A 226 -1.38 -14.68 0.84
CA GLY A 226 0.04 -14.87 0.63
C GLY A 226 0.36 -15.60 -0.66
N ASP A 227 -0.08 -16.86 -0.74
CA ASP A 227 0.19 -17.71 -1.90
C ASP A 227 -0.31 -17.09 -3.21
N HIS A 228 -1.49 -16.48 -3.14
CA HIS A 228 -2.12 -15.91 -4.33
C HIS A 228 -2.51 -14.45 -4.09
N PRO A 229 -1.54 -13.54 -4.21
CA PRO A 229 -1.79 -12.13 -3.92
C PRO A 229 -2.80 -11.50 -4.87
N ARG A 230 -3.66 -10.63 -4.34
CA ARG A 230 -4.62 -9.91 -5.16
C ARG A 230 -4.47 -8.40 -5.02
N PHE A 231 -4.88 -7.68 -6.07
CA PHE A 231 -4.62 -6.26 -6.23
C PHE A 231 -5.82 -5.54 -6.84
N VAL A 232 -6.01 -4.30 -6.40
CA VAL A 232 -6.92 -3.36 -7.06
C VAL A 232 -6.08 -2.33 -7.80
N ALA A 233 -6.37 -2.12 -9.09
CA ALA A 233 -5.59 -1.21 -9.91
C ALA A 233 -6.33 -0.83 -11.19
N ASP A 234 -6.07 0.37 -11.68
CA ASP A 234 -6.59 0.80 -12.98
C ASP A 234 -5.77 0.18 -14.09
N LEU A 235 -6.36 -0.77 -14.80
CA LEU A 235 -5.66 -1.47 -15.87
C LEU A 235 -6.10 -0.98 -17.25
N THR A 236 -6.98 0.02 -17.28
CA THR A 236 -7.52 0.53 -18.54
C THR A 236 -7.30 2.04 -18.72
N GLY A 237 -7.16 2.76 -17.62
CA GLY A 237 -6.87 4.19 -17.67
C GLY A 237 -8.06 5.10 -17.42
N ASP A 238 -9.22 4.51 -17.14
CA ASP A 238 -10.43 5.31 -16.94
C ASP A 238 -10.62 5.79 -15.50
N GLY A 239 -9.65 5.49 -14.64
CA GLY A 239 -9.69 5.95 -13.26
C GLY A 239 -10.30 4.97 -12.28
N THR A 240 -11.04 3.99 -12.80
CA THR A 240 -11.66 2.98 -11.93
C THR A 240 -10.69 1.85 -11.64
N ALA A 241 -10.89 1.18 -10.51
CA ALA A 241 -10.04 0.06 -10.14
C ALA A 241 -10.56 -1.25 -10.74
N ASP A 242 -9.68 -1.94 -11.47
CA ASP A 242 -9.97 -3.29 -11.91
C ASP A 242 -9.40 -4.24 -10.86
N ILE A 243 -9.67 -5.53 -11.00
CA ILE A 243 -9.14 -6.49 -10.05
C ILE A 243 -8.18 -7.45 -10.75
N ILE A 244 -7.01 -7.67 -10.16
CA ILE A 244 -6.07 -8.62 -10.73
C ILE A 244 -5.39 -9.44 -9.64
N GLY A 245 -5.34 -10.75 -9.82
CA GLY A 245 -4.69 -11.61 -8.84
C GLY A 245 -3.66 -12.51 -9.49
N CYS A 246 -2.63 -12.88 -8.73
CA CYS A 246 -1.66 -13.84 -9.21
C CYS A 246 -2.04 -15.21 -8.67
N GLY A 247 -2.75 -15.99 -9.49
CA GLY A 247 -3.24 -17.29 -9.06
C GLY A 247 -2.23 -18.39 -9.27
N LYS A 248 -2.72 -19.59 -9.61
CA LYS A 248 -1.87 -20.74 -9.83
C LYS A 248 -1.23 -20.73 -11.23
N ALA A 249 -2.07 -20.70 -12.26
CA ALA A 249 -1.58 -20.77 -13.64
C ALA A 249 -1.16 -19.42 -14.21
N GLY A 250 -1.35 -18.36 -13.42
CA GLY A 250 -0.98 -17.04 -13.86
C GLY A 250 -1.85 -15.94 -13.31
N CYS A 251 -1.82 -14.79 -13.96
CA CYS A 251 -2.57 -13.62 -13.50
C CYS A 251 -3.98 -13.58 -14.09
N TRP A 252 -4.97 -13.44 -13.22
CA TRP A 252 -6.37 -13.35 -13.63
C TRP A 252 -6.88 -11.93 -13.41
N VAL A 253 -7.64 -11.43 -14.37
CA VAL A 253 -8.16 -10.08 -14.31
C VAL A 253 -9.68 -10.05 -14.47
N ALA A 254 -10.35 -9.28 -13.62
CA ALA A 254 -11.73 -8.89 -13.87
C ALA A 254 -11.75 -7.38 -14.08
N LEU A 255 -12.29 -6.98 -15.23
CA LEU A 255 -12.30 -5.58 -15.62
C LEU A 255 -13.51 -4.85 -15.07
N ASN A 256 -13.26 -3.64 -14.54
CA ASN A 256 -14.33 -2.81 -14.00
C ASN A 256 -15.17 -2.25 -15.14
N ASN A 257 -16.45 -2.61 -15.15
CA ASN A 257 -17.36 -2.11 -16.18
C ASN A 257 -18.19 -0.91 -15.70
N GLY A 258 -17.76 -0.30 -14.61
CA GLY A 258 -18.41 0.90 -14.10
C GLY A 258 -19.46 0.61 -13.06
N GLY A 259 -19.58 1.51 -12.07
CA GLY A 259 -20.59 1.39 -11.03
C GLY A 259 -20.36 0.18 -10.12
N GLY A 260 -19.15 -0.37 -10.18
CA GLY A 260 -18.81 -1.53 -9.38
C GLY A 260 -19.20 -2.85 -10.03
N VAL A 261 -19.64 -2.79 -11.28
CA VAL A 261 -19.96 -4.00 -12.04
C VAL A 261 -18.69 -4.51 -12.71
N PHE A 262 -18.45 -5.81 -12.60
CA PHE A 262 -17.21 -6.40 -13.13
C PHE A 262 -17.44 -7.43 -14.23
N GLY A 263 -16.58 -7.39 -15.23
CA GLY A 263 -16.62 -8.36 -16.31
C GLY A 263 -16.15 -9.72 -15.84
N GLN A 264 -16.05 -10.67 -16.77
CA GLN A 264 -15.65 -12.02 -16.43
C GLN A 264 -14.16 -12.14 -16.13
N VAL A 265 -13.83 -13.07 -15.24
CA VAL A 265 -12.44 -13.30 -14.82
C VAL A 265 -11.66 -14.05 -15.90
N LYS A 266 -10.59 -13.41 -16.39
CA LYS A 266 -9.84 -13.94 -17.52
C LYS A 266 -8.35 -14.08 -17.22
N LEU A 267 -7.74 -15.15 -17.73
CA LEU A 267 -6.30 -15.37 -17.60
C LEU A 267 -5.56 -14.55 -18.64
N VAL A 268 -4.81 -13.55 -18.19
CA VAL A 268 -4.18 -12.59 -19.09
C VAL A 268 -2.66 -12.77 -19.21
N ILE A 269 -2.06 -13.37 -18.19
CA ILE A 269 -0.62 -13.61 -18.19
C ILE A 269 -0.35 -15.02 -17.69
N ASN A 270 0.38 -15.81 -18.47
CA ASN A 270 0.70 -17.18 -18.08
C ASN A 270 1.97 -17.24 -17.24
N ASP A 271 2.03 -16.41 -16.21
CA ASP A 271 3.21 -16.34 -15.35
C ASP A 271 2.87 -15.63 -14.04
N PHE A 272 3.89 -15.47 -13.19
CA PHE A 272 3.76 -14.82 -11.88
C PHE A 272 2.95 -15.63 -10.86
N GLY A 273 2.66 -16.89 -11.19
CA GLY A 273 1.86 -17.73 -10.31
C GLY A 273 2.64 -18.86 -9.66
N THR A 274 1.98 -19.62 -8.78
CA THR A 274 2.65 -20.69 -8.05
C THR A 274 3.06 -21.87 -8.94
N ASP A 275 2.41 -22.00 -10.10
CA ASP A 275 2.77 -23.05 -11.04
C ASP A 275 4.16 -22.83 -11.63
N LYS A 276 4.58 -21.57 -11.71
CA LYS A 276 5.89 -21.25 -12.23
C LYS A 276 6.86 -20.78 -11.15
N GLY A 277 6.67 -21.31 -9.94
CA GLY A 277 7.64 -21.13 -8.86
C GLY A 277 7.49 -19.91 -7.99
N TRP A 278 6.49 -19.08 -8.29
CA TRP A 278 6.27 -17.88 -7.50
C TRP A 278 5.70 -18.19 -6.12
N GLN A 279 6.43 -17.78 -5.07
CA GLN A 279 6.06 -18.08 -3.70
C GLN A 279 5.99 -16.81 -2.86
N ALA A 280 5.05 -16.78 -1.93
CA ALA A 280 4.84 -15.62 -1.06
C ALA A 280 6.09 -15.28 -0.25
N ALA A 281 6.77 -16.30 0.26
CA ALA A 281 7.91 -16.09 1.14
C ALA A 281 9.12 -15.52 0.41
N LYS A 282 9.13 -15.58 -0.91
CA LYS A 282 10.33 -15.26 -1.68
C LYS A 282 10.16 -14.26 -2.83
N HIS A 283 8.98 -14.21 -3.43
CA HIS A 283 8.82 -13.50 -4.69
C HIS A 283 7.70 -12.47 -4.71
N PRO A 284 7.96 -11.26 -4.16
CA PRO A 284 6.94 -10.20 -4.07
C PRO A 284 6.51 -9.67 -5.44
N ARG A 285 5.21 -9.46 -5.60
CA ARG A 285 4.67 -8.94 -6.86
C ARG A 285 3.89 -7.64 -6.62
N PHE A 286 3.89 -6.77 -7.63
CA PHE A 286 3.30 -5.44 -7.53
C PHE A 286 2.66 -5.05 -8.85
N ILE A 287 1.68 -4.15 -8.77
CA ILE A 287 1.12 -3.52 -9.96
C ILE A 287 1.58 -2.07 -9.99
N ALA A 288 2.26 -1.68 -11.07
CA ALA A 288 2.73 -0.30 -11.22
C ALA A 288 2.74 0.13 -12.68
N ASP A 289 2.66 1.44 -12.90
CA ASP A 289 2.66 2.00 -14.25
C ASP A 289 4.10 2.23 -14.72
N LEU A 290 4.55 1.38 -15.63
CA LEU A 290 5.93 1.44 -16.09
C LEU A 290 6.12 2.27 -17.37
N THR A 291 5.02 2.78 -17.93
CA THR A 291 5.09 3.48 -19.21
C THR A 291 4.48 4.89 -19.18
N GLY A 292 3.87 5.26 -18.07
CA GLY A 292 3.31 6.59 -17.92
C GLY A 292 2.04 6.83 -18.72
N ASN A 293 1.29 5.78 -19.02
CA ASN A 293 0.05 5.93 -19.77
C ASN A 293 -1.19 5.84 -18.89
N GLY A 294 -0.98 5.61 -17.59
CA GLY A 294 -2.08 5.51 -16.65
C GLY A 294 -2.59 4.09 -16.48
N ARG A 295 -1.90 3.13 -17.10
CA ARG A 295 -2.26 1.73 -16.99
C ARG A 295 -1.23 0.96 -16.16
N GLY A 296 -1.73 0.10 -15.27
CA GLY A 296 -0.86 -0.70 -14.41
C GLY A 296 -0.27 -1.91 -15.11
N ASP A 297 1.05 -2.06 -14.98
CA ASP A 297 1.74 -3.21 -15.52
C ASP A 297 2.09 -4.16 -14.38
N VAL A 298 2.35 -5.43 -14.70
CA VAL A 298 2.66 -6.40 -13.65
C VAL A 298 4.16 -6.53 -13.45
N VAL A 299 4.62 -6.32 -12.21
CA VAL A 299 6.04 -6.38 -11.89
C VAL A 299 6.28 -7.43 -10.83
N GLY A 300 7.27 -8.28 -11.05
CA GLY A 300 7.54 -9.34 -10.09
C GLY A 300 9.01 -9.52 -9.81
N PHE A 301 9.34 -9.69 -8.54
CA PHE A 301 10.71 -9.96 -8.14
C PHE A 301 10.89 -11.47 -7.98
N GLY A 302 11.30 -12.11 -9.06
CA GLY A 302 11.41 -13.56 -9.10
C GLY A 302 12.75 -14.07 -8.60
N ASN A 303 13.09 -15.29 -8.99
CA ASN A 303 14.36 -15.89 -8.60
C ASN A 303 15.55 -15.18 -9.24
N ALA A 304 15.53 -15.09 -10.57
CA ALA A 304 16.66 -14.55 -11.32
C ALA A 304 16.68 -13.03 -11.38
N GLY A 305 15.64 -12.39 -10.87
CA GLY A 305 15.56 -10.95 -10.87
C GLY A 305 14.16 -10.42 -11.16
N VAL A 306 14.11 -9.27 -11.80
CA VAL A 306 12.85 -8.57 -12.07
C VAL A 306 12.26 -8.93 -13.42
N TYR A 307 11.03 -9.45 -13.36
CA TYR A 307 10.23 -9.81 -14.52
C TYR A 307 9.08 -8.81 -14.66
N VAL A 308 8.73 -8.49 -15.90
CA VAL A 308 7.66 -7.53 -16.16
C VAL A 308 6.74 -8.00 -17.27
N ALA A 309 5.43 -7.84 -17.05
CA ALA A 309 4.46 -7.99 -18.12
C ALA A 309 3.75 -6.66 -18.36
N LEU A 310 3.91 -6.13 -19.58
CA LEU A 310 3.35 -4.83 -19.94
C LEU A 310 1.88 -4.89 -20.32
N ASN A 311 1.13 -3.91 -19.84
CA ASN A 311 -0.27 -3.75 -20.21
C ASN A 311 -0.35 -3.22 -21.64
N ASN A 312 -1.23 -3.82 -22.45
CA ASN A 312 -1.44 -3.34 -23.82
C ASN A 312 -2.23 -2.04 -23.83
N GLY A 313 -2.81 -1.69 -22.70
CA GLY A 313 -3.57 -0.46 -22.57
C GLY A 313 -5.05 -0.69 -22.30
N ASP A 314 -5.49 -1.94 -22.43
CA ASP A 314 -6.90 -2.27 -22.34
C ASP A 314 -7.21 -3.37 -21.33
N GLY A 315 -6.22 -3.70 -20.49
CA GLY A 315 -6.40 -4.77 -19.54
C GLY A 315 -5.96 -6.11 -20.08
N THR A 316 -5.43 -6.11 -21.30
CA THR A 316 -4.76 -7.28 -21.85
C THR A 316 -3.26 -7.07 -21.75
N PHE A 317 -2.50 -8.17 -21.62
CA PHE A 317 -1.08 -8.06 -21.32
C PHE A 317 -0.19 -8.84 -22.29
N GLN A 318 1.04 -8.36 -22.46
CA GLN A 318 2.04 -9.13 -23.18
C GLN A 318 2.71 -10.09 -22.21
N SER A 319 3.41 -11.08 -22.75
CA SER A 319 4.02 -12.11 -21.90
C SER A 319 5.11 -11.53 -21.01
N ALA A 320 5.29 -12.14 -19.84
CA ALA A 320 6.29 -11.70 -18.88
C ALA A 320 7.71 -12.02 -19.36
N LYS A 321 8.64 -11.13 -19.06
CA LYS A 321 10.03 -11.31 -19.48
C LYS A 321 10.97 -10.73 -18.43
N LEU A 322 12.16 -11.31 -18.33
CA LEU A 322 13.17 -10.82 -17.40
C LEU A 322 13.67 -9.47 -17.88
N VAL A 323 13.56 -8.44 -17.03
CA VAL A 323 14.02 -7.12 -17.41
C VAL A 323 15.21 -6.67 -16.57
N LEU A 324 15.43 -7.30 -15.42
CA LEU A 324 16.61 -6.93 -14.62
C LEU A 324 17.24 -8.08 -13.86
N LYS A 325 18.56 -8.23 -13.97
CA LYS A 325 19.25 -9.30 -13.25
C LYS A 325 19.68 -8.85 -11.85
N ASP A 326 18.71 -8.39 -11.07
CA ASP A 326 18.95 -7.98 -9.69
C ASP A 326 17.63 -7.91 -8.93
N PHE A 327 17.71 -7.66 -7.63
CA PHE A 327 16.54 -7.58 -6.75
C PHE A 327 15.77 -8.90 -6.64
N GLY A 328 16.41 -10.00 -7.04
CA GLY A 328 15.79 -11.30 -6.96
C GLY A 328 16.42 -12.15 -5.86
N VAL A 329 15.93 -13.38 -5.72
CA VAL A 329 16.48 -14.32 -4.74
C VAL A 329 17.95 -14.58 -5.05
N GLN A 330 18.25 -14.68 -6.35
CA GLN A 330 19.58 -15.02 -6.82
C GLN A 330 20.61 -13.96 -6.45
N GLN A 331 20.14 -12.76 -6.11
CA GLN A 331 21.03 -11.67 -5.71
C GLN A 331 20.98 -11.42 -4.20
N GLY A 332 20.47 -12.40 -3.46
CA GLY A 332 20.51 -12.38 -2.01
C GLY A 332 19.29 -11.78 -1.33
N TRP A 333 18.28 -11.41 -2.13
CA TRP A 333 17.11 -10.75 -1.58
C TRP A 333 16.13 -11.71 -0.91
N THR A 334 15.80 -11.41 0.34
CA THR A 334 14.82 -12.17 1.10
C THR A 334 13.71 -11.25 1.62
N VAL A 335 12.48 -11.75 1.60
CA VAL A 335 11.32 -10.99 2.05
C VAL A 335 11.41 -10.64 3.52
N SER A 336 12.03 -11.52 4.30
CA SER A 336 12.10 -11.36 5.75
C SER A 336 13.00 -10.21 6.19
N LYS A 337 13.98 -9.84 5.36
CA LYS A 337 15.00 -8.88 5.76
C LYS A 337 15.03 -7.61 4.92
N HIS A 338 14.65 -7.72 3.65
CA HIS A 338 14.79 -6.60 2.72
C HIS A 338 13.44 -6.09 2.23
N ARG A 339 13.39 -4.82 1.80
CA ARG A 339 12.15 -4.28 1.24
C ARG A 339 12.35 -3.93 -0.23
N ARG A 340 11.28 -4.00 -1.01
CA ARG A 340 11.36 -3.62 -2.42
C ARG A 340 10.10 -2.87 -2.85
N PHE A 341 10.29 -1.78 -3.58
CA PHE A 341 9.17 -0.98 -4.05
C PHE A 341 9.33 -0.61 -5.53
N VAL A 342 8.19 -0.42 -6.17
CA VAL A 342 8.12 -0.04 -7.57
C VAL A 342 7.33 1.25 -7.65
N VAL A 343 8.03 2.38 -7.65
CA VAL A 343 7.40 3.69 -7.61
C VAL A 343 8.18 4.65 -8.50
N ASP A 344 7.52 5.72 -8.96
CA ASP A 344 8.21 6.74 -9.74
C ASP A 344 9.12 7.56 -8.85
N LEU A 345 10.40 7.60 -9.20
CA LEU A 345 11.37 8.38 -8.46
C LEU A 345 11.87 9.56 -9.29
N THR A 346 11.49 9.60 -10.57
CA THR A 346 12.06 10.56 -11.50
C THR A 346 11.06 11.55 -12.09
N GLY A 347 9.79 11.41 -11.69
CA GLY A 347 8.75 12.33 -12.12
C GLY A 347 8.31 12.17 -13.56
N ASP A 348 8.68 11.06 -14.19
CA ASP A 348 8.29 10.83 -15.58
C ASP A 348 7.08 9.90 -15.73
N GLY A 349 6.48 9.53 -14.60
CA GLY A 349 5.29 8.70 -14.63
C GLY A 349 5.58 7.23 -14.89
N CYS A 350 6.86 6.90 -15.03
CA CYS A 350 7.27 5.53 -15.29
C CYS A 350 7.97 4.96 -14.05
N ALA A 351 7.31 4.02 -13.40
CA ALA A 351 7.77 3.49 -12.12
C ALA A 351 9.20 2.96 -12.14
N ASP A 352 9.98 3.36 -11.14
CA ASP A 352 11.34 2.87 -11.00
C ASP A 352 11.38 1.82 -9.89
N ILE A 353 12.54 1.19 -9.70
CA ILE A 353 12.67 0.17 -8.67
C ILE A 353 13.62 0.61 -7.57
N ILE A 354 13.19 0.47 -6.32
CA ILE A 354 14.08 0.76 -5.19
C ILE A 354 14.03 -0.34 -4.14
N GLY A 355 15.21 -0.87 -3.81
CA GLY A 355 15.30 -1.94 -2.83
C GLY A 355 16.13 -1.56 -1.61
N PHE A 356 15.53 -1.75 -0.44
CA PHE A 356 16.23 -1.62 0.83
C PHE A 356 16.86 -2.97 1.14
N GLY A 357 18.12 -3.11 0.77
CA GLY A 357 18.83 -4.38 0.83
C GLY A 357 19.64 -4.60 2.09
N GLU A 358 20.65 -5.46 1.99
CA GLU A 358 21.41 -5.91 3.15
C GLU A 358 22.30 -4.83 3.75
N LYS A 359 23.09 -4.16 2.89
CA LYS A 359 24.02 -3.14 3.38
C LYS A 359 23.89 -1.80 2.66
N GLU A 360 23.06 -1.76 1.62
CA GLU A 360 22.79 -0.49 0.93
C GLU A 360 21.43 -0.46 0.23
N THR A 361 20.87 0.75 0.15
CA THR A 361 19.63 0.98 -0.58
C THR A 361 19.97 1.18 -2.06
N LEU A 362 19.51 0.25 -2.88
CA LEU A 362 19.86 0.22 -4.30
C LEU A 362 18.69 0.64 -5.19
N VAL A 363 19.00 1.13 -6.38
CA VAL A 363 17.97 1.67 -7.26
C VAL A 363 18.20 1.24 -8.70
N SER A 364 17.11 1.18 -9.47
CA SER A 364 17.18 0.96 -10.91
C SER A 364 16.12 1.84 -11.58
N TYR A 365 16.57 2.69 -12.50
CA TYR A 365 15.68 3.65 -13.12
C TYR A 365 15.01 3.13 -14.40
N ASN A 366 13.76 3.52 -14.58
CA ASN A 366 13.00 3.20 -15.78
C ASN A 366 13.45 4.08 -16.94
N ASP A 367 13.69 3.47 -18.10
CA ASP A 367 14.10 4.22 -19.27
C ASP A 367 12.94 5.03 -19.85
N GLY A 368 11.73 4.71 -19.40
CA GLY A 368 10.54 5.38 -19.86
C GLY A 368 9.65 4.46 -20.67
N LYS A 369 10.11 3.22 -20.85
CA LYS A 369 9.36 2.25 -21.65
C LYS A 369 9.26 0.89 -20.97
N GLY A 370 9.66 0.84 -19.70
CA GLY A 370 9.57 -0.40 -18.93
C GLY A 370 10.88 -1.16 -18.92
N ASN A 371 11.91 -0.59 -19.52
CA ASN A 371 13.26 -1.15 -19.45
C ASN A 371 14.03 -0.48 -18.32
N PHE A 372 14.97 -1.21 -17.73
CA PHE A 372 15.67 -0.71 -16.54
C PHE A 372 17.18 -0.65 -16.69
N GLY A 373 17.77 0.45 -16.23
CA GLY A 373 19.21 0.65 -16.32
C GLY A 373 19.97 -0.05 -15.22
N PRO A 374 21.30 0.14 -15.21
CA PRO A 374 22.18 -0.49 -14.20
C PRO A 374 21.83 -0.04 -12.80
N VAL A 375 22.01 -0.94 -11.83
CA VAL A 375 21.70 -0.64 -10.43
C VAL A 375 22.71 0.34 -9.83
N LYS A 376 22.21 1.37 -9.16
CA LYS A 376 23.07 2.32 -8.45
C LYS A 376 22.75 2.31 -6.95
N ALA A 377 23.77 2.53 -6.14
CA ALA A 377 23.60 2.59 -4.69
C ALA A 377 23.29 4.02 -4.25
N LEU A 378 22.11 4.23 -3.68
CA LEU A 378 21.67 5.55 -3.26
C LEU A 378 22.30 5.96 -1.93
N THR A 379 22.28 5.03 -0.97
CA THR A 379 22.81 5.31 0.36
C THR A 379 23.07 4.01 1.12
N ASN A 380 23.80 4.11 2.22
CA ASN A 380 24.01 2.97 3.09
C ASN A 380 22.87 2.86 4.10
N ASP A 381 22.17 3.97 4.29
CA ASP A 381 21.07 4.03 5.25
C ASP A 381 19.85 3.26 4.75
N PHE A 382 18.97 2.90 5.69
CA PHE A 382 17.74 2.14 5.43
C PHE A 382 17.96 0.67 5.09
N SER A 383 19.23 0.25 5.05
CA SER A 383 19.56 -1.15 4.80
C SER A 383 19.52 -1.96 6.10
N PHE A 384 19.34 -3.27 5.97
CA PHE A 384 19.21 -4.18 7.11
C PHE A 384 20.31 -3.97 8.16
N SER A 385 21.56 -4.01 7.71
CA SER A 385 22.73 -3.68 8.53
C SER A 385 22.71 -4.25 9.95
N GLY A 386 22.80 -5.57 10.05
CA GLY A 386 22.86 -6.23 11.35
C GLY A 386 21.60 -6.10 12.18
N GLY A 387 20.51 -5.70 11.53
CA GLY A 387 19.24 -5.55 12.22
C GLY A 387 18.93 -4.12 12.60
N LYS A 388 19.74 -3.19 12.09
CA LYS A 388 19.52 -1.76 12.32
C LYS A 388 18.21 -1.33 11.66
N TRP A 389 17.84 -2.01 10.59
CA TRP A 389 16.58 -1.79 9.91
C TRP A 389 15.84 -3.10 9.68
N ALA A 390 15.75 -3.92 10.72
CA ALA A 390 14.98 -5.16 10.65
C ALA A 390 13.50 -4.84 10.59
N PRO A 391 12.76 -5.50 9.68
CA PRO A 391 11.32 -5.27 9.52
C PRO A 391 10.55 -5.57 10.80
N GLU A 392 11.09 -6.46 11.63
CA GLU A 392 10.44 -6.81 12.90
C GLU A 392 10.37 -5.62 13.85
N THR A 393 11.30 -4.68 13.72
CA THR A 393 11.41 -3.56 14.63
C THR A 393 11.31 -2.21 13.93
N THR A 394 11.46 -2.21 12.61
CA THR A 394 11.44 -0.97 11.83
C THR A 394 10.46 -1.07 10.67
N VAL A 395 10.00 0.09 10.18
CA VAL A 395 9.05 0.12 9.08
C VAL A 395 9.51 1.09 8.00
N CYS A 396 9.72 0.60 6.79
CA CYS A 396 10.12 1.48 5.69
C CYS A 396 9.04 1.63 4.64
N TRP A 397 8.74 2.87 4.26
CA TRP A 397 7.74 3.15 3.25
C TRP A 397 8.32 4.08 2.19
N MET A 398 7.74 4.02 0.99
CA MET A 398 7.91 5.06 -0.01
C MET A 398 6.68 5.95 0.07
N ALA A 399 6.88 7.26 -0.02
CA ALA A 399 5.78 8.20 0.09
C ALA A 399 6.11 9.53 -0.59
N ASN A 400 5.07 10.23 -1.04
CA ASN A 400 5.26 11.55 -1.61
C ASN A 400 5.03 12.62 -0.53
N LEU A 401 6.11 13.08 0.08
CA LEU A 401 6.01 14.10 1.12
C LEU A 401 5.45 15.41 0.57
N ASP A 402 5.56 15.59 -0.75
CA ASP A 402 4.94 16.72 -1.42
C ASP A 402 3.75 16.24 -2.26
N SER A 403 2.55 16.66 -1.88
CA SER A 403 1.34 16.25 -2.60
C SER A 403 0.73 17.43 -3.36
#